data_8TLH
#
_entry.id   8TLH
#
_cell.length_a   169.679
_cell.length_b   31.523
_cell.length_c   91.634
_cell.angle_alpha   90.000
_cell.angle_beta   110.590
_cell.angle_gamma   90.000
#
_symmetry.space_group_name_H-M   'C 1 2 1'
#
loop_
_entity.id
_entity.type
_entity.pdbx_description
1 polymer 'Cell division cycle-associated protein 7'
2 polymer 'DNA (32-MER)'
3 non-polymer 1,2-ETHANEDIOL
4 non-polymer 'ZINC ION'
5 non-polymer GLYCEROL
6 non-polymer 'MAGNESIUM ION'
7 water water
#
loop_
_entity_poly.entity_id
_entity_poly.type
_entity_poly.pdbx_seq_one_letter_code
_entity_poly.pdbx_strand_id
1 'polypeptide(L)'
;GPLGSMTLPHIIRPVEEVTEEEIRNICSNSREKIYNRSLGSTCHQCRQKTTDTKTNCRNPDCWGIRGQFCGPCLRNRYGE
EVKDALLDPNWHCPPCRGICNCSFCRQRDGRCATGVLVYLAKYHGFGNVHAYLKSLKQEFEMQA
;
A,B
2 'polydeoxyribonucleotide'
;(DC)(DG)(DA)(DC)(DG)(DC)(DC)(DC)(DT)(DG)(DT)(DC)(DG)(DC)(DT)(DG)(DA)(DG)(DA)(DA)
(DG)(DC)(DG)(DT)(DT)(DT)(DG)(DC)(DG)(DT)(DC)(DG)
;
X,C
#
loop_
_chem_comp.id
_chem_comp.type
_chem_comp.name
_chem_comp.formula
DA DNA linking 2'-DEOXYADENOSINE-5'-MONOPHOSPHATE 'C10 H14 N5 O6 P'
DC DNA linking 2'-DEOXYCYTIDINE-5'-MONOPHOSPHATE 'C9 H14 N3 O7 P'
DG DNA linking 2'-DEOXYGUANOSINE-5'-MONOPHOSPHATE 'C10 H14 N5 O7 P'
DT DNA linking THYMIDINE-5'-MONOPHOSPHATE 'C10 H15 N2 O8 P'
EDO non-polymer 1,2-ETHANEDIOL 'C2 H6 O2'
GOL non-polymer GLYCEROL 'C3 H8 O3'
MG non-polymer 'MAGNESIUM ION' 'Mg 2'
ZN non-polymer 'ZINC ION' 'Zn 2'
#
# COMPACT_ATOMS: atom_id res chain seq x y z
N SER A 5 -3.98 19.10 22.06
CA SER A 5 -4.14 18.73 20.66
C SER A 5 -5.60 18.54 20.26
N MET A 6 -5.97 19.10 19.12
CA MET A 6 -7.30 18.90 18.55
C MET A 6 -7.37 17.68 17.65
N THR A 7 -6.25 17.03 17.36
CA THR A 7 -6.22 15.93 16.39
C THR A 7 -6.65 14.60 17.01
N LEU A 8 -7.59 13.93 16.36
CA LEU A 8 -7.96 12.58 16.78
C LEU A 8 -6.86 11.59 16.38
N PRO A 9 -6.54 10.63 17.24
CA PRO A 9 -5.49 9.68 16.91
C PRO A 9 -5.88 8.82 15.72
N HIS A 10 -4.94 8.61 14.82
CA HIS A 10 -5.15 7.79 13.65
C HIS A 10 -4.67 6.37 13.95
N ILE A 11 -5.59 5.41 13.84
CA ILE A 11 -5.28 4.00 14.10
C ILE A 11 -5.43 3.24 12.80
N ILE A 12 -4.36 2.58 12.38
CA ILE A 12 -4.39 1.77 11.17
C ILE A 12 -5.02 0.41 11.50
N ARG A 13 -6.11 0.10 10.83
CA ARG A 13 -6.85 -1.13 11.08
C ARG A 13 -6.47 -2.16 10.04
N PRO A 14 -5.85 -3.28 10.43
CA PRO A 14 -5.46 -4.29 9.43
C PRO A 14 -6.67 -4.89 8.74
N VAL A 15 -6.46 -5.30 7.48
CA VAL A 15 -7.56 -5.81 6.66
C VAL A 15 -8.14 -7.08 7.26
N GLU A 16 -7.34 -7.84 8.02
CA GLU A 16 -7.83 -9.07 8.61
C GLU A 16 -8.87 -8.84 9.70
N GLU A 17 -8.89 -7.65 10.31
CA GLU A 17 -9.84 -7.36 11.38
C GLU A 17 -11.10 -6.66 10.89
N VAL A 18 -11.25 -6.47 9.59
CA VAL A 18 -12.49 -5.92 9.04
C VAL A 18 -13.53 -7.03 9.01
N THR A 19 -14.69 -6.77 9.62
CA THR A 19 -15.74 -7.77 9.77
C THR A 19 -16.82 -7.60 8.71
N GLU A 20 -17.64 -8.64 8.57
CA GLU A 20 -18.76 -8.58 7.64
C GLU A 20 -19.80 -7.57 8.09
N GLU A 21 -19.95 -7.37 9.40
CA GLU A 21 -20.88 -6.36 9.89
C GLU A 21 -20.49 -4.96 9.43
N GLU A 22 -19.18 -4.66 9.49
CA GLU A 22 -18.70 -3.36 9.01
C GLU A 22 -18.96 -3.21 7.52
N ILE A 23 -18.72 -4.27 6.74
CA ILE A 23 -18.97 -4.21 5.30
C ILE A 23 -20.45 -3.96 5.02
N ARG A 24 -21.33 -4.62 5.78
CA ARG A 24 -22.76 -4.43 5.57
C ARG A 24 -23.19 -3.00 5.91
N ASN A 25 -22.52 -2.36 6.87
CA ASN A 25 -22.89 -1.02 7.32
C ASN A 25 -22.34 0.09 6.43
N ILE A 26 -21.74 -0.25 5.29
CA ILE A 26 -21.31 0.78 4.35
C ILE A 26 -22.54 1.45 3.75
N CYS A 27 -22.51 2.78 3.70
CA CYS A 27 -23.65 3.53 3.18
C CYS A 27 -23.74 3.40 1.67
N SER A 28 -24.94 3.12 1.17
CA SER A 28 -25.19 3.07 -0.26
C SER A 28 -26.03 4.23 -0.77
N ASN A 29 -26.52 5.08 0.13
CA ASN A 29 -27.33 6.25 -0.26
C ASN A 29 -27.26 7.24 0.88
N SER A 30 -26.72 8.44 0.61
CA SER A 30 -26.45 9.42 1.67
C SER A 30 -27.71 9.84 2.41
N ARG A 31 -28.88 9.70 1.80
CA ARG A 31 -30.12 10.04 2.48
C ARG A 31 -30.51 9.03 3.55
N GLU A 32 -29.83 7.88 3.60
CA GLU A 32 -30.10 6.85 4.59
C GLU A 32 -29.16 6.92 5.79
N LYS A 33 -28.29 7.93 5.85
CA LYS A 33 -27.32 8.01 6.93
C LYS A 33 -28.00 8.27 8.26
N ILE A 34 -27.39 7.73 9.32
CA ILE A 34 -27.86 7.92 10.69
C ILE A 34 -26.82 8.77 11.40
N TYR A 35 -27.25 9.94 11.89
CA TYR A 35 -26.37 10.87 12.57
C TYR A 35 -26.27 10.54 14.05
N ASN A 36 -25.05 10.62 14.60
CA ASN A 36 -24.82 10.39 16.02
C ASN A 36 -23.49 11.04 16.39
N ARG A 37 -23.53 12.02 17.30
CA ARG A 37 -22.30 12.72 17.66
CA ARG A 37 -22.31 12.72 17.68
C ARG A 37 -21.38 11.85 18.51
N SER A 38 -21.93 10.92 19.28
CA SER A 38 -21.10 10.09 20.14
C SER A 38 -20.52 8.89 19.40
N LEU A 39 -21.33 8.22 18.59
CA LEU A 39 -20.94 6.96 17.97
C LEU A 39 -20.58 7.10 16.50
N GLY A 40 -20.89 8.23 15.87
CA GLY A 40 -20.63 8.39 14.46
C GLY A 40 -19.20 8.73 14.14
N SER A 41 -18.91 8.73 12.84
CA SER A 41 -17.61 9.13 12.32
C SER A 41 -17.81 10.10 11.17
N THR A 42 -16.87 11.02 11.02
CA THR A 42 -16.99 12.09 10.04
C THR A 42 -16.32 11.69 8.73
N CYS A 43 -17.05 11.84 7.63
CA CYS A 43 -16.47 11.70 6.31
C CYS A 43 -15.75 13.00 5.95
N HIS A 44 -14.50 12.88 5.50
CA HIS A 44 -13.73 14.07 5.15
C HIS A 44 -14.41 14.85 4.03
N GLN A 45 -15.03 14.16 3.08
CA GLN A 45 -15.56 14.82 1.89
C GLN A 45 -16.81 15.64 2.22
N CYS A 46 -17.85 14.98 2.72
CA CYS A 46 -19.12 15.65 3.00
C CYS A 46 -19.22 16.22 4.41
N ARG A 47 -18.25 15.92 5.28
CA ARG A 47 -18.16 16.51 6.62
C ARG A 47 -19.41 16.23 7.45
N GLN A 48 -19.99 15.04 7.29
CA GLN A 48 -21.12 14.58 8.07
C GLN A 48 -20.66 13.47 9.00
N LYS A 49 -21.02 13.57 10.28
CA LYS A 49 -20.64 12.59 11.29
C LYS A 49 -21.79 11.60 11.45
N THR A 50 -21.63 10.41 10.89
CA THR A 50 -22.68 9.40 10.84
C THR A 50 -22.09 8.04 11.20
N THR A 51 -22.98 7.07 11.41
CA THR A 51 -22.60 5.77 11.93
C THR A 51 -22.24 4.75 10.85
N ASP A 52 -22.36 5.10 9.57
CA ASP A 52 -22.03 4.14 8.52
C ASP A 52 -20.52 3.92 8.45
N THR A 53 -20.13 2.75 7.94
CA THR A 53 -18.73 2.38 7.85
C THR A 53 -18.00 3.28 6.85
N LYS A 54 -16.79 3.69 7.22
CA LYS A 54 -15.99 4.59 6.40
C LYS A 54 -14.58 4.03 6.26
N THR A 55 -13.84 4.58 5.30
CA THR A 55 -12.52 4.08 4.96
C THR A 55 -11.52 4.34 6.08
N ASN A 56 -10.44 3.56 6.07
CA ASN A 56 -9.34 3.70 7.01
C ASN A 56 -8.05 3.79 6.22
N CYS A 57 -7.42 4.97 6.21
CA CYS A 57 -6.16 5.15 5.50
C CYS A 57 -5.06 4.38 6.20
N ARG A 58 -4.27 3.64 5.41
CA ARG A 58 -3.20 2.81 5.96
C ARG A 58 -1.82 3.40 5.72
N ASN A 59 -1.74 4.68 5.37
CA ASN A 59 -0.46 5.37 5.32
C ASN A 59 -0.04 5.74 6.74
N PRO A 60 1.13 5.29 7.20
CA PRO A 60 1.55 5.63 8.57
C PRO A 60 1.69 7.13 8.81
N ASP A 61 1.94 7.92 7.77
CA ASP A 61 2.10 9.36 7.92
C ASP A 61 0.76 10.10 7.92
N CYS A 62 -0.34 9.41 7.68
CA CYS A 62 -1.65 10.04 7.76
C CYS A 62 -1.99 10.33 9.22
N TRP A 63 -2.91 11.27 9.41
CA TRP A 63 -3.29 11.70 10.75
C TRP A 63 -4.74 12.16 10.73
N GLY A 64 -5.37 12.10 11.91
CA GLY A 64 -6.70 12.63 12.07
C GLY A 64 -7.75 11.85 11.30
N ILE A 65 -8.78 12.57 10.87
CA ILE A 65 -9.94 11.98 10.19
C ILE A 65 -9.89 12.20 8.68
N ARG A 66 -8.80 12.78 8.17
CA ARG A 66 -8.71 13.11 6.74
C ARG A 66 -8.82 11.90 5.84
N GLY A 67 -8.53 10.71 6.36
CA GLY A 67 -8.62 9.47 5.61
C GLY A 67 -9.96 8.76 5.67
N GLN A 68 -10.97 9.34 6.29
CA GLN A 68 -12.27 8.70 6.46
C GLN A 68 -13.24 9.21 5.40
N PHE A 69 -13.73 8.30 4.57
CA PHE A 69 -14.67 8.63 3.50
C PHE A 69 -15.84 7.68 3.54
N CYS A 70 -17.05 8.22 3.36
CA CYS A 70 -18.24 7.38 3.30
C CYS A 70 -18.37 6.74 1.93
N GLY A 71 -19.26 5.76 1.83
CA GLY A 71 -19.50 5.04 0.61
C GLY A 71 -19.85 5.92 -0.58
N PRO A 72 -20.96 6.66 -0.47
CA PRO A 72 -21.36 7.53 -1.59
C PRO A 72 -20.30 8.53 -2.00
N CYS A 73 -19.61 9.15 -1.04
CA CYS A 73 -18.61 10.15 -1.38
C CYS A 73 -17.43 9.51 -2.12
N LEU A 74 -16.93 8.39 -1.60
CA LEU A 74 -15.81 7.72 -2.26
C LEU A 74 -16.18 7.30 -3.67
N ARG A 75 -17.35 6.67 -3.84
CA ARG A 75 -17.70 6.17 -5.16
C ARG A 75 -18.04 7.29 -6.14
N ASN A 76 -18.61 8.40 -5.66
CA ASN A 76 -19.00 9.48 -6.56
C ASN A 76 -17.86 10.42 -6.89
N ARG A 77 -16.91 10.61 -5.97
CA ARG A 77 -15.84 11.58 -6.18
C ARG A 77 -14.51 10.94 -6.55
N TYR A 78 -14.35 9.62 -6.39
CA TYR A 78 -13.09 8.98 -6.73
C TYR A 78 -13.23 7.65 -7.45
N GLY A 79 -14.46 7.17 -7.68
CA GLY A 79 -14.65 5.93 -8.40
C GLY A 79 -14.17 4.70 -7.67
N GLU A 80 -14.08 4.75 -6.35
CA GLU A 80 -13.61 3.64 -5.53
C GLU A 80 -14.69 3.22 -4.55
N GLU A 81 -14.70 1.93 -4.23
CA GLU A 81 -15.63 1.38 -3.26
C GLU A 81 -14.98 1.27 -1.90
N VAL A 82 -15.74 1.62 -0.86
CA VAL A 82 -15.21 1.57 0.50
C VAL A 82 -14.85 0.14 0.88
N LYS A 83 -15.59 -0.84 0.38
CA LYS A 83 -15.27 -2.24 0.68
C LYS A 83 -13.88 -2.60 0.15
N ASP A 84 -13.58 -2.21 -1.08
CA ASP A 84 -12.26 -2.49 -1.65
C ASP A 84 -11.16 -1.78 -0.88
N ALA A 85 -11.40 -0.52 -0.49
CA ALA A 85 -10.41 0.23 0.28
C ALA A 85 -10.16 -0.43 1.64
N LEU A 86 -11.22 -0.88 2.30
CA LEU A 86 -11.06 -1.55 3.58
C LEU A 86 -10.31 -2.87 3.43
N LEU A 87 -10.52 -3.57 2.32
CA LEU A 87 -9.82 -4.83 2.08
C LEU A 87 -8.48 -4.64 1.37
N ASP A 88 -8.06 -3.40 1.14
CA ASP A 88 -6.78 -3.14 0.47
C ASP A 88 -5.74 -2.79 1.52
N PRO A 89 -4.70 -3.62 1.70
CA PRO A 89 -3.67 -3.28 2.70
C PRO A 89 -2.83 -2.07 2.34
N ASN A 90 -2.80 -1.66 1.07
CA ASN A 90 -1.97 -0.54 0.64
C ASN A 90 -2.77 0.73 0.37
N TRP A 91 -4.04 0.77 0.76
CA TRP A 91 -4.90 1.88 0.39
C TRP A 91 -4.48 3.16 1.11
N HIS A 92 -4.35 4.24 0.35
CA HIS A 92 -4.08 5.57 0.88
C HIS A 92 -5.25 6.48 0.54
N CYS A 93 -5.57 7.40 1.45
CA CYS A 93 -6.70 8.29 1.23
C CYS A 93 -6.36 9.31 0.14
N PRO A 94 -7.37 9.87 -0.51
CA PRO A 94 -7.13 10.87 -1.56
C PRO A 94 -6.32 12.06 -1.05
N PRO A 95 -6.54 12.54 0.18
CA PRO A 95 -5.62 13.57 0.70
C PRO A 95 -4.17 13.11 0.73
N CYS A 96 -3.90 11.87 1.11
CA CYS A 96 -2.54 11.36 1.07
C CYS A 96 -2.02 11.27 -0.36
N ARG A 97 -2.89 10.87 -1.29
CA ARG A 97 -2.52 10.82 -2.70
C ARG A 97 -2.48 12.20 -3.35
N GLY A 98 -2.92 13.24 -2.66
CA GLY A 98 -2.90 14.58 -3.21
C GLY A 98 -3.92 14.82 -4.29
N ILE A 99 -5.01 14.04 -4.31
CA ILE A 99 -6.05 14.15 -5.32
C ILE A 99 -7.41 14.44 -4.72
N CYS A 100 -7.47 14.88 -3.46
CA CYS A 100 -8.76 15.15 -2.84
C CYS A 100 -9.42 16.34 -3.51
N ASN A 101 -10.71 16.19 -3.83
CA ASN A 101 -11.46 17.23 -4.52
C ASN A 101 -12.58 17.81 -3.66
N CYS A 102 -12.47 17.70 -2.34
CA CYS A 102 -13.46 18.33 -1.48
C CYS A 102 -13.33 19.85 -1.58
N SER A 103 -14.31 20.55 -1.02
CA SER A 103 -14.36 22.01 -1.16
C SER A 103 -13.09 22.65 -0.57
N PHE A 104 -12.68 22.21 0.61
CA PHE A 104 -11.51 22.81 1.24
C PHE A 104 -10.23 22.47 0.49
N CYS A 105 -10.03 21.19 0.15
CA CYS A 105 -8.76 20.78 -0.46
C CYS A 105 -8.59 21.39 -1.84
N ARG A 106 -9.65 21.43 -2.65
CA ARG A 106 -9.54 22.08 -3.95
C ARG A 106 -9.59 23.60 -3.84
N GLN A 107 -10.05 24.13 -2.71
CA GLN A 107 -9.98 25.58 -2.49
C GLN A 107 -8.54 26.04 -2.32
N ARG A 108 -7.69 25.22 -1.71
CA ARG A 108 -6.27 25.56 -1.54
C ARG A 108 -5.56 25.57 -2.89
N SER C 5 -3.66 -20.85 1.18
CA SER C 5 -2.92 -19.98 0.26
C SER C 5 -1.46 -19.84 0.68
N MET C 6 -0.55 -20.06 -0.27
CA MET C 6 0.88 -19.97 -0.01
C MET C 6 1.46 -18.61 -0.37
N THR C 7 0.62 -17.64 -0.75
CA THR C 7 1.09 -16.34 -1.23
C THR C 7 1.27 -15.38 -0.07
N LEU C 8 2.48 -14.82 0.03
CA LEU C 8 2.72 -13.79 1.03
C LEU C 8 2.02 -12.49 0.64
N PRO C 9 1.56 -11.71 1.61
CA PRO C 9 0.96 -10.41 1.29
C PRO C 9 1.96 -9.50 0.58
N HIS C 10 1.47 -8.77 -0.41
CA HIS C 10 2.29 -7.83 -1.17
C HIS C 10 2.05 -6.44 -0.62
N ILE C 11 3.02 -5.93 0.14
CA ILE C 11 2.93 -4.62 0.77
C ILE C 11 3.80 -3.66 -0.01
N ILE C 12 3.19 -2.61 -0.55
CA ILE C 12 3.92 -1.62 -1.33
C ILE C 12 4.54 -0.61 -0.38
N ARG C 13 5.86 -0.49 -0.41
CA ARG C 13 6.57 0.48 0.43
C ARG C 13 6.66 1.80 -0.31
N PRO C 14 6.10 2.89 0.23
CA PRO C 14 6.22 4.18 -0.45
C PRO C 14 7.67 4.65 -0.48
N VAL C 15 8.00 5.44 -1.50
CA VAL C 15 9.36 5.94 -1.67
C VAL C 15 9.78 6.78 -0.48
N GLU C 16 8.84 7.56 0.07
CA GLU C 16 9.15 8.38 1.23
C GLU C 16 9.55 7.56 2.46
N GLU C 17 9.18 6.29 2.49
CA GLU C 17 9.50 5.42 3.63
C GLU C 17 10.85 4.74 3.48
N VAL C 18 11.53 4.88 2.34
CA VAL C 18 12.84 4.27 2.14
C VAL C 18 13.89 5.14 2.82
N THR C 19 14.69 4.53 3.68
CA THR C 19 15.70 5.24 4.44
C THR C 19 17.09 5.02 3.84
N GLU C 20 18.04 5.84 4.29
CA GLU C 20 19.41 5.72 3.81
C GLU C 20 20.06 4.43 4.26
N GLU C 21 19.67 3.91 5.42
CA GLU C 21 20.21 2.63 5.89
C GLU C 21 19.87 1.50 4.94
N GLU C 22 18.62 1.46 4.46
CA GLU C 22 18.22 0.43 3.51
C GLU C 22 19.00 0.55 2.21
N ILE C 23 19.20 1.77 1.73
CA ILE C 23 19.98 1.97 0.50
C ILE C 23 21.41 1.51 0.70
N ARG C 24 22.00 1.82 1.86
CA ARG C 24 23.37 1.39 2.14
C ARG C 24 23.47 -0.13 2.25
N ASN C 25 22.38 -0.82 2.56
CA ASN C 25 22.38 -2.26 2.74
C ASN C 25 22.11 -3.02 1.44
N ILE C 26 22.05 -2.32 0.31
CA ILE C 26 21.90 -2.99 -0.98
C ILE C 26 23.16 -3.81 -1.27
N CYS C 27 22.97 -5.06 -1.65
CA CYS C 27 24.10 -5.94 -1.92
C CYS C 27 24.85 -5.50 -3.17
N SER C 28 26.18 -5.46 -3.07
CA SER C 28 27.03 -5.12 -4.20
C SER C 28 27.82 -6.32 -4.73
N ASN C 29 27.81 -7.44 -4.02
CA ASN C 29 28.50 -8.64 -4.47
C ASN C 29 27.83 -9.84 -3.82
N SER C 30 27.36 -10.79 -4.64
CA SER C 30 26.53 -11.87 -4.14
C SER C 30 27.25 -12.75 -3.11
N ARG C 31 28.58 -12.78 -3.13
CA ARG C 31 29.32 -13.59 -2.19
C ARG C 31 29.37 -12.98 -0.78
N GLU C 32 28.93 -11.74 -0.62
CA GLU C 32 28.89 -11.08 0.67
C GLU C 32 27.52 -11.17 1.34
N LYS C 33 26.57 -11.90 0.74
CA LYS C 33 25.23 -11.99 1.29
C LYS C 33 25.24 -12.74 2.61
N ILE C 34 24.36 -12.32 3.51
CA ILE C 34 24.16 -12.96 4.81
C ILE C 34 22.79 -13.62 4.80
N TYR C 35 22.76 -14.92 5.03
CA TYR C 35 21.52 -15.69 4.98
C TYR C 35 20.83 -15.67 6.34
N ASN C 36 19.50 -15.60 6.31
CA ASN C 36 18.70 -15.65 7.54
C ASN C 36 17.28 -16.05 7.17
N ARG C 37 16.83 -17.20 7.68
CA ARG C 37 15.49 -17.68 7.33
C ARG C 37 14.39 -16.80 7.94
N SER C 38 14.65 -16.20 9.10
CA SER C 38 13.61 -15.44 9.78
C SER C 38 13.55 -13.98 9.32
N LEU C 39 14.71 -13.34 9.18
CA LEU C 39 14.76 -11.91 8.87
C LEU C 39 15.09 -11.61 7.42
N GLY C 40 15.55 -12.60 6.65
CA GLY C 40 15.93 -12.36 5.28
C GLY C 40 14.74 -12.25 4.34
N SER C 41 15.05 -11.88 3.10
CA SER C 41 14.06 -11.82 2.03
C SER C 41 14.62 -12.53 0.81
N THR C 42 13.71 -13.13 0.03
CA THR C 42 14.12 -13.95 -1.11
C THR C 42 14.12 -13.12 -2.39
N CYS C 43 15.24 -13.18 -3.11
CA CYS C 43 15.32 -12.59 -4.44
C CYS C 43 14.67 -13.55 -5.44
N HIS C 44 13.78 -13.00 -6.27
CA HIS C 44 13.08 -13.86 -7.24
C HIS C 44 14.05 -14.47 -8.26
N GLN C 45 15.13 -13.77 -8.57
CA GLN C 45 16.04 -14.25 -9.62
C GLN C 45 16.91 -15.40 -9.13
N CYS C 46 17.73 -15.16 -8.11
CA CYS C 46 18.66 -16.18 -7.61
C CYS C 46 18.05 -17.08 -6.54
N ARG C 47 16.85 -16.75 -6.05
CA ARG C 47 16.13 -17.58 -5.10
C ARG C 47 16.94 -17.82 -3.82
N GLN C 48 17.62 -16.77 -3.37
CA GLN C 48 18.37 -16.80 -2.11
C GLN C 48 17.70 -15.86 -1.11
N LYS C 49 17.45 -16.37 0.09
CA LYS C 49 16.81 -15.58 1.14
C LYS C 49 17.90 -14.98 2.02
N THR C 50 18.17 -13.69 1.84
CA THR C 50 19.24 -13.01 2.54
C THR C 50 18.73 -11.66 3.07
N THR C 51 19.56 -11.01 3.87
CA THR C 51 19.15 -9.80 4.59
C THR C 51 19.45 -8.51 3.84
N ASP C 52 20.04 -8.56 2.65
CA ASP C 52 20.31 -7.34 1.92
C ASP C 52 19.03 -6.74 1.36
N THR C 53 19.06 -5.41 1.18
CA THR C 53 17.89 -4.71 0.67
C THR C 53 17.57 -5.14 -0.75
N LYS C 54 16.27 -5.32 -1.03
CA LYS C 54 15.81 -5.77 -2.33
C LYS C 54 14.68 -4.87 -2.81
N THR C 55 14.35 -5.00 -4.08
CA THR C 55 13.37 -4.14 -4.71
C THR C 55 11.97 -4.44 -4.17
N ASN C 56 11.09 -3.45 -4.31
CA ASN C 56 9.69 -3.56 -3.94
C ASN C 56 8.85 -3.15 -5.15
N CYS C 57 8.12 -4.10 -5.72
CA CYS C 57 7.26 -3.80 -6.85
C CYS C 57 6.07 -2.97 -6.38
N ARG C 58 5.83 -1.84 -7.05
CA ARG C 58 4.77 -0.92 -6.68
C ARG C 58 3.54 -1.04 -7.57
N ASN C 59 3.45 -2.09 -8.37
CA ASN C 59 2.24 -2.38 -9.12
C ASN C 59 1.20 -2.97 -8.18
N PRO C 60 0.03 -2.34 -8.01
CA PRO C 60 -0.99 -2.91 -7.12
C PRO C 60 -1.47 -4.29 -7.53
N ASP C 61 -1.35 -4.63 -8.81
CA ASP C 61 -1.79 -5.93 -9.31
C ASP C 61 -0.73 -7.02 -9.14
N CYS C 62 0.44 -6.67 -8.64
CA CYS C 62 1.44 -7.68 -8.32
C CYS C 62 1.04 -8.46 -7.07
N TRP C 63 1.64 -9.63 -6.89
CA TRP C 63 1.31 -10.48 -5.77
C TRP C 63 2.56 -11.23 -5.32
N GLY C 64 2.54 -11.67 -4.06
CA GLY C 64 3.64 -12.45 -3.53
C GLY C 64 4.93 -11.65 -3.44
N ILE C 65 6.05 -12.36 -3.58
CA ILE C 65 7.38 -11.76 -3.51
C ILE C 65 8.10 -11.85 -4.85
N ARG C 66 7.35 -12.01 -5.95
CA ARG C 66 7.95 -12.05 -7.27
C ARG C 66 8.63 -10.75 -7.65
N GLY C 67 8.31 -9.66 -6.95
CA GLY C 67 8.88 -8.36 -7.20
C GLY C 67 10.16 -8.04 -6.45
N GLN C 68 10.70 -8.99 -5.69
CA GLN C 68 11.90 -8.77 -4.88
C GLN C 68 13.12 -9.23 -5.66
N PHE C 69 14.06 -8.32 -5.90
CA PHE C 69 15.30 -8.61 -6.61
C PHE C 69 16.47 -8.01 -5.86
N CYS C 70 17.54 -8.79 -5.72
CA CYS C 70 18.74 -8.27 -5.08
C CYS C 70 19.51 -7.38 -6.05
N GLY C 71 20.49 -6.67 -5.49
CA GLY C 71 21.33 -5.76 -6.26
C GLY C 71 22.03 -6.41 -7.44
N PRO C 72 22.89 -7.39 -7.16
CA PRO C 72 23.63 -8.05 -8.26
C PRO C 72 22.71 -8.65 -9.32
N CYS C 73 21.63 -9.31 -8.91
CA CYS C 73 20.75 -9.94 -9.90
C CYS C 73 20.07 -8.88 -10.77
N LEU C 74 19.54 -7.82 -10.14
CA LEU C 74 18.88 -6.78 -10.92
C LEU C 74 19.85 -6.13 -11.90
N ARG C 75 21.04 -5.77 -11.43
CA ARG C 75 21.98 -5.07 -12.31
C ARG C 75 22.54 -5.98 -13.39
N ASN C 76 22.72 -7.27 -13.11
CA ASN C 76 23.31 -8.17 -14.09
C ASN C 76 22.29 -8.68 -15.11
N ARG C 77 21.02 -8.85 -14.70
CA ARG C 77 20.04 -9.45 -15.58
C ARG C 77 19.10 -8.43 -16.23
N TYR C 78 19.02 -7.20 -15.70
CA TYR C 78 18.12 -6.21 -16.26
C TYR C 78 18.72 -4.82 -16.41
N GLY C 79 19.97 -4.61 -16.01
CA GLY C 79 20.59 -3.32 -16.18
C GLY C 79 19.98 -2.21 -15.36
N GLU C 80 19.34 -2.55 -14.25
CA GLU C 80 18.71 -1.58 -13.36
C GLU C 80 19.32 -1.67 -11.97
N GLU C 81 19.38 -0.53 -11.30
CA GLU C 81 19.93 -0.45 -9.96
C GLU C 81 18.81 -0.46 -8.93
N VAL C 82 19.03 -1.18 -7.83
CA VAL C 82 17.99 -1.34 -6.82
C VAL C 82 17.63 0.00 -6.19
N LYS C 83 18.61 0.89 -6.02
CA LYS C 83 18.33 2.21 -5.45
C LYS C 83 17.35 2.98 -6.32
N ASP C 84 17.57 2.97 -7.64
CA ASP C 84 16.66 3.67 -8.55
C ASP C 84 15.26 3.08 -8.50
N ALA C 85 15.16 1.74 -8.44
CA ALA C 85 13.85 1.10 -8.35
C ALA C 85 13.14 1.46 -7.05
N LEU C 86 13.89 1.49 -5.94
CA LEU C 86 13.30 1.86 -4.66
C LEU C 86 12.84 3.31 -4.66
N LEU C 87 13.55 4.20 -5.35
CA LEU C 87 13.18 5.60 -5.43
C LEU C 87 12.22 5.89 -6.57
N ASP C 88 11.79 4.87 -7.32
CA ASP C 88 10.86 5.07 -8.43
C ASP C 88 9.45 4.74 -7.96
N PRO C 89 8.54 5.71 -7.90
CA PRO C 89 7.17 5.41 -7.46
C PRO C 89 6.39 4.52 -8.42
N ASN C 90 6.78 4.46 -9.70
CA ASN C 90 6.07 3.68 -10.70
C ASN C 90 6.80 2.40 -11.09
N TRP C 91 7.80 1.98 -10.31
CA TRP C 91 8.61 0.83 -10.70
C TRP C 91 7.80 -0.45 -10.64
N HIS C 92 7.86 -1.23 -11.71
CA HIS C 92 7.25 -2.55 -11.78
C HIS C 92 8.33 -3.60 -11.92
N CYS C 93 8.10 -4.77 -11.31
CA CYS C 93 9.07 -5.84 -11.39
C CYS C 93 9.12 -6.43 -12.80
N PRO C 94 10.24 -7.04 -13.17
CA PRO C 94 10.35 -7.67 -14.50
C PRO C 94 9.26 -8.72 -14.73
N PRO C 95 8.87 -9.51 -13.71
CA PRO C 95 7.69 -10.38 -13.91
C PRO C 95 6.43 -9.60 -14.27
N CYS C 96 6.21 -8.44 -13.67
CA CYS C 96 5.06 -7.62 -14.04
C CYS C 96 5.21 -7.06 -15.44
N ARG C 97 6.43 -6.70 -15.83
CA ARG C 97 6.71 -6.24 -17.18
C ARG C 97 6.80 -7.38 -18.18
N GLY C 98 6.78 -8.63 -17.73
CA GLY C 98 6.85 -9.77 -18.63
C GLY C 98 8.18 -9.94 -19.29
N ILE C 99 9.27 -9.56 -18.63
CA ILE C 99 10.61 -9.64 -19.21
C ILE C 99 11.55 -10.40 -18.29
N CYS C 100 10.99 -11.11 -17.30
CA CYS C 100 11.82 -11.84 -16.36
C CYS C 100 12.56 -12.96 -17.07
N ASN C 101 13.87 -13.04 -16.85
CA ASN C 101 14.71 -14.03 -17.52
C ASN C 101 15.29 -15.05 -16.53
N CYS C 102 14.67 -15.23 -15.37
CA CYS C 102 15.12 -16.27 -14.46
C CYS C 102 14.86 -17.64 -15.10
N SER C 103 15.42 -18.68 -14.49
CA SER C 103 15.34 -20.01 -15.07
C SER C 103 13.89 -20.44 -15.25
N PHE C 104 13.06 -20.24 -14.22
CA PHE C 104 11.68 -20.69 -14.30
C PHE C 104 10.88 -19.85 -15.30
N CYS C 105 11.01 -18.52 -15.24
CA CYS C 105 10.20 -17.66 -16.08
C CYS C 105 10.54 -17.83 -17.55
N ARG C 106 11.83 -17.92 -17.88
CA ARG C 106 12.20 -18.17 -19.28
C ARG C 106 12.01 -19.63 -19.66
N GLN C 107 11.89 -20.54 -18.68
CA GLN C 107 11.54 -21.91 -19.00
C GLN C 107 10.13 -22.01 -19.57
N ARG C 108 9.20 -21.24 -19.02
CA ARG C 108 7.82 -21.24 -19.49
C ARG C 108 7.70 -20.54 -20.83
C1 EDO E . -5.77 17.48 4.54
O1 EDO E . -5.32 17.33 5.90
C2 EDO E . -7.19 18.04 4.53
O2 EDO E . -7.19 19.32 5.17
C1 EDO F . -15.41 19.68 -7.92
O1 EDO F . -16.78 20.10 -8.01
C2 EDO F . -15.27 18.29 -8.52
O2 EDO F . -13.91 17.84 -8.36
C1 EDO G . -8.97 0.04 -3.37
O1 EDO G . -7.62 0.26 -3.81
C2 EDO G . -9.89 1.10 -3.96
O2 EDO G . -10.31 0.72 -5.27
ZN ZN H . -19.19 11.68 2.61
ZN ZN I . -10.14 17.17 1.12
ZN ZN J . -4.22 9.27 4.51
C1 EDO K . -26.45 12.56 20.00
O1 EDO K . -25.87 12.35 18.71
C2 EDO K . -25.37 12.46 21.07
O2 EDO K . -24.81 11.14 21.06
C1 GOL L . -18.98 23.66 16.88
O1 GOL L . -19.11 22.39 17.44
C2 GOL L . -17.93 23.56 15.76
O2 GOL L . -16.82 22.82 16.16
C3 GOL L . -18.68 22.91 14.57
O3 GOL L . -18.68 21.53 14.78
C1 EDO M . 6.70 14.17 7.43
O1 EDO M . 5.61 13.78 8.28
C2 EDO M . 6.69 15.69 7.27
O2 EDO M . 5.43 16.10 6.71
MG MG N . -3.15 21.22 17.54
MG MG O . 1.71 11.25 15.33
ZN ZN P . 19.35 -12.37 -6.68
ZN ZN Q . 11.18 -15.05 -12.96
ZN ZN R . 5.37 -6.95 -9.78
C1 GOL S . 11.02 -27.37 1.02
O1 GOL S . 10.98 -27.67 -0.35
C2 GOL S . 11.25 -25.85 1.11
O2 GOL S . 11.47 -25.44 2.42
C3 GOL S . 12.46 -25.58 0.19
O3 GOL S . 12.68 -24.21 0.19
C1 EDO T . -5.50 -11.83 -3.83
O1 EDO T . -6.44 -10.83 -4.22
C2 EDO T . -4.14 -11.20 -3.58
O2 EDO T . -3.44 -11.05 -4.82
#